data_6UWO
#
_entry.id   6UWO
#
_cell.length_a   53.670
_cell.length_b   53.670
_cell.length_c   171.152
_cell.angle_alpha   90.000
_cell.angle_beta   90.000
_cell.angle_gamma   120.000
#
_symmetry.space_group_name_H-M   'P 65'
#
loop_
_entity.id
_entity.type
_entity.pdbx_description
1 polymer 'ADP-ribosyltransferase binding component'
2 water water
#
_entity_poly.entity_id   1
_entity_poly.type   'polypeptide(L)'
_entity_poly.pdbx_seq_one_letter_code
;MHHHHHHDDDDKTDQEIMDAHKIYFADLNFNPSTGNTYINGMYFAPTQTNKEALDYIQKYRVEATLQYSGFKDIGTKDKE
MRNYLGDPNQPKTNYVNLRSYFTGGENIMTYKKLRIYAITPDDRELLVLSVD
;
_entity_poly.pdbx_strand_id   A,B
#
# COMPACT_ATOMS: atom_id res chain seq x y z
N THR A 13 -28.51 9.21 8.16
CA THR A 13 -28.60 10.49 7.46
C THR A 13 -27.36 10.77 6.64
N ASP A 14 -27.50 11.67 5.66
CA ASP A 14 -26.42 11.95 4.73
C ASP A 14 -25.21 12.54 5.43
N GLN A 15 -25.40 13.34 6.47
CA GLN A 15 -24.24 13.92 7.14
C GLN A 15 -23.57 12.90 8.06
N GLU A 16 -24.36 12.04 8.71
CA GLU A 16 -23.80 11.00 9.57
C GLU A 16 -22.89 10.07 8.78
N ILE A 17 -23.35 9.62 7.62
CA ILE A 17 -22.49 8.83 6.74
C ILE A 17 -21.28 9.64 6.30
N MET A 18 -21.49 10.92 6.00
CA MET A 18 -20.39 11.72 5.46
C MET A 18 -19.28 11.92 6.48
N ASP A 19 -19.65 12.25 7.72
CA ASP A 19 -18.67 12.40 8.79
C ASP A 19 -17.97 11.09 9.11
N ALA A 20 -18.69 9.97 8.98
CA ALA A 20 -18.13 8.64 9.21
C ALA A 20 -17.05 8.24 8.20
N HIS A 21 -16.65 9.17 7.33
CA HIS A 21 -15.58 8.94 6.35
C HIS A 21 -14.49 10.01 6.42
N LYS A 22 -14.52 10.88 7.44
CA LYS A 22 -13.60 12.01 7.49
C LYS A 22 -12.20 11.64 7.95
N ILE A 23 -12.03 10.51 8.60
CA ILE A 23 -10.71 10.04 9.00
C ILE A 23 -10.38 8.82 8.14
N TYR A 24 -9.42 8.99 7.23
CA TYR A 24 -9.03 7.96 6.28
C TYR A 24 -7.53 7.97 6.04
N PHE A 25 -7.01 6.81 5.61
CA PHE A 25 -5.63 6.63 5.18
C PHE A 25 -5.65 6.03 3.78
N ALA A 26 -4.82 6.56 2.90
CA ALA A 26 -4.66 5.99 1.58
C ALA A 26 -3.58 4.92 1.60
N ASP A 27 -3.89 3.78 0.99
CA ASP A 27 -2.95 2.69 0.78
C ASP A 27 -2.23 3.00 -0.53
N LEU A 28 -0.99 3.48 -0.42
CA LEU A 28 -0.19 3.93 -1.56
C LEU A 28 0.95 2.97 -1.83
N ASN A 29 1.40 2.94 -3.10
CA ASN A 29 2.67 2.37 -3.50
C ASN A 29 3.54 3.48 -4.08
N PHE A 30 4.79 3.56 -3.62
CA PHE A 30 5.67 4.67 -3.96
C PHE A 30 7.02 4.13 -4.41
N ASN A 31 7.47 4.56 -5.57
CA ASN A 31 8.80 4.21 -6.08
C ASN A 31 9.74 5.36 -5.79
N PRO A 32 10.73 5.21 -4.90
CA PRO A 32 11.59 6.36 -4.58
C PRO A 32 12.59 6.72 -5.69
N SER A 33 13.14 5.73 -6.40
CA SER A 33 14.00 5.93 -7.57
C SER A 33 13.35 6.78 -8.66
N THR A 34 12.06 6.62 -8.82
CA THR A 34 11.28 7.08 -9.94
C THR A 34 10.28 8.16 -9.58
N GLY A 35 9.73 8.13 -8.36
CA GLY A 35 8.76 9.12 -7.95
C GLY A 35 7.31 8.80 -8.25
N ASN A 36 7.03 7.65 -8.86
CA ASN A 36 5.64 7.23 -9.09
C ASN A 36 4.96 6.83 -7.78
N THR A 37 3.76 7.36 -7.57
CA THR A 37 2.89 7.06 -6.44
C THR A 37 1.51 6.70 -6.97
N TYR A 38 1.10 5.46 -6.73
CA TYR A 38 -0.23 4.95 -7.07
C TYR A 38 -1.04 4.70 -5.81
N ILE A 39 -2.36 4.83 -5.92
CA ILE A 39 -3.30 4.50 -4.84
C ILE A 39 -3.91 3.14 -5.11
N ASN A 40 -3.75 2.22 -4.15
CA ASN A 40 -4.33 0.88 -4.18
C ASN A 40 -5.73 0.87 -3.60
N GLY A 41 -5.97 1.72 -2.60
CA GLY A 41 -7.20 1.67 -1.86
C GLY A 41 -7.23 2.73 -0.78
N MET A 42 -8.25 2.62 0.07
CA MET A 42 -8.53 3.65 1.06
C MET A 42 -9.14 2.99 2.29
N TYR A 43 -8.57 3.26 3.47
CA TYR A 43 -9.09 2.76 4.73
C TYR A 43 -9.89 3.84 5.42
N PHE A 44 -11.07 3.50 5.89
CA PHE A 44 -11.83 4.42 6.71
C PHE A 44 -11.76 3.96 8.17
N ALA A 45 -11.39 4.89 9.04
CA ALA A 45 -11.08 4.58 10.43
C ALA A 45 -12.29 3.97 11.15
N PRO A 46 -12.11 2.87 11.88
CA PRO A 46 -13.20 2.31 12.69
C PRO A 46 -13.31 2.94 14.08
N THR A 47 -13.90 4.14 14.13
CA THR A 47 -14.15 4.81 15.40
C THR A 47 -15.56 4.49 15.88
N GLN A 48 -15.73 4.41 17.21
CA GLN A 48 -17.01 3.99 17.76
C GLN A 48 -18.14 4.95 17.40
N THR A 49 -17.84 6.24 17.29
CA THR A 49 -18.86 7.22 16.94
C THR A 49 -19.29 7.12 15.48
N ASN A 50 -18.60 6.32 14.66
CA ASN A 50 -19.02 6.17 13.28
C ASN A 50 -18.98 4.72 12.82
N LYS A 51 -18.95 3.76 13.75
CA LYS A 51 -18.96 2.35 13.36
C LYS A 51 -20.20 2.02 12.56
N GLU A 52 -21.38 2.30 13.12
CA GLU A 52 -22.63 1.88 12.48
C GLU A 52 -22.81 2.53 11.10
N ALA A 53 -22.34 3.76 10.92
CA ALA A 53 -22.46 4.41 9.63
C ALA A 53 -21.52 3.83 8.58
N LEU A 54 -20.41 3.21 9.00
CA LEU A 54 -19.55 2.51 8.06
C LEU A 54 -20.09 1.13 7.73
N ASP A 55 -20.69 0.43 8.70
CA ASP A 55 -21.31 -0.86 8.41
C ASP A 55 -22.47 -0.70 7.45
N TYR A 56 -23.04 0.48 7.37
CA TYR A 56 -24.21 0.74 6.54
C TYR A 56 -23.83 0.78 5.05
N ILE A 57 -22.75 1.48 4.73
CA ILE A 57 -22.26 1.61 3.35
C ILE A 57 -21.70 0.27 2.87
N GLN A 58 -22.24 -0.24 1.77
CA GLN A 58 -21.87 -1.57 1.28
C GLN A 58 -21.10 -1.55 -0.05
N LYS A 59 -21.27 -0.50 -0.85
CA LYS A 59 -20.63 -0.33 -2.14
C LYS A 59 -20.01 1.07 -2.20
N TYR A 60 -19.03 1.24 -3.07
CA TYR A 60 -18.42 2.56 -3.31
C TYR A 60 -18.22 2.79 -4.80
N ARG A 61 -18.59 3.98 -5.27
CA ARG A 61 -18.35 4.42 -6.64
C ARG A 61 -17.12 5.31 -6.66
N VAL A 62 -16.27 5.13 -7.67
CA VAL A 62 -15.02 5.85 -7.74
C VAL A 62 -14.85 6.46 -9.13
N GLU A 63 -14.44 7.72 -9.16
CA GLU A 63 -13.88 8.36 -10.32
C GLU A 63 -12.45 8.75 -9.97
N ALA A 64 -11.50 8.34 -10.80
CA ALA A 64 -10.08 8.55 -10.49
C ALA A 64 -9.32 8.83 -11.78
N THR A 65 -8.13 9.40 -11.64
CA THR A 65 -7.27 9.72 -12.79
C THR A 65 -6.30 8.57 -13.02
N LEU A 66 -6.47 7.83 -14.12
CA LEU A 66 -5.58 6.74 -14.44
C LEU A 66 -4.26 7.27 -15.02
N GLN A 67 -3.19 6.47 -14.88
CA GLN A 67 -1.85 6.89 -15.30
C GLN A 67 -1.79 7.28 -16.77
N TYR A 68 -2.38 6.45 -17.63
CA TYR A 68 -2.33 6.67 -19.07
C TYR A 68 -3.63 7.28 -19.60
N SER A 69 -4.78 6.70 -19.31
CA SER A 69 -6.03 7.36 -19.62
C SER A 69 -6.17 8.60 -18.74
N GLY A 70 -7.29 9.30 -18.85
CA GLY A 70 -7.50 10.48 -18.05
C GLY A 70 -8.23 10.21 -16.75
N PHE A 71 -8.78 11.29 -16.18
CA PHE A 71 -9.82 11.16 -15.18
C PHE A 71 -10.99 10.41 -15.78
N LYS A 72 -11.47 9.38 -15.09
CA LYS A 72 -12.54 8.55 -15.61
C LYS A 72 -13.36 7.96 -14.47
N ASP A 73 -14.62 7.67 -14.79
CA ASP A 73 -15.45 6.85 -13.93
C ASP A 73 -14.93 5.42 -14.00
N ILE A 74 -14.56 4.84 -12.86
CA ILE A 74 -14.11 3.46 -12.85
C ILE A 74 -15.11 2.54 -12.16
N GLY A 75 -16.34 3.00 -11.97
CA GLY A 75 -17.44 2.12 -11.64
C GLY A 75 -17.69 1.95 -10.15
N THR A 76 -18.47 0.92 -9.83
CA THR A 76 -18.98 0.66 -8.49
C THR A 76 -18.65 -0.76 -8.09
N LYS A 77 -18.15 -0.94 -6.87
CA LYS A 77 -17.75 -2.24 -6.37
C LYS A 77 -18.06 -2.33 -4.88
N ASP A 78 -18.29 -3.54 -4.42
CA ASP A 78 -18.51 -3.76 -3.00
C ASP A 78 -17.27 -3.37 -2.21
N LYS A 79 -17.48 -2.87 -1.00
CA LYS A 79 -16.37 -2.61 -0.13
C LYS A 79 -15.73 -3.93 0.29
N GLU A 80 -14.46 -3.86 0.67
CA GLU A 80 -13.82 -4.96 1.36
C GLU A 80 -13.79 -4.63 2.86
N MET A 81 -13.80 -5.67 3.67
CA MET A 81 -13.50 -5.51 5.08
C MET A 81 -12.04 -5.93 5.26
N ARG A 82 -11.22 -5.00 5.72
CA ARG A 82 -9.79 -5.25 5.81
C ARG A 82 -9.27 -4.69 7.12
N ASN A 83 -8.39 -5.45 7.77
CA ASN A 83 -7.70 -4.99 8.96
C ASN A 83 -7.21 -3.57 8.74
N TYR A 84 -7.65 -2.67 9.61
CA TYR A 84 -7.28 -1.26 9.51
C TYR A 84 -5.78 -1.10 9.28
N LEU A 85 -5.43 -0.42 8.19
CA LEU A 85 -4.05 -0.11 7.80
C LEU A 85 -3.24 -1.35 7.42
N GLY A 86 -3.89 -2.46 7.06
CA GLY A 86 -3.18 -3.71 6.85
C GLY A 86 -2.65 -4.36 8.12
N ASP A 87 -2.78 -3.71 9.26
CA ASP A 87 -2.26 -4.24 10.51
C ASP A 87 -3.14 -5.38 10.99
N PRO A 88 -2.65 -6.62 11.04
CA PRO A 88 -3.43 -7.71 11.65
C PRO A 88 -3.80 -7.44 13.09
N ASN A 89 -3.11 -6.49 13.73
CA ASN A 89 -3.35 -6.11 15.11
C ASN A 89 -4.42 -5.06 15.24
N GLN A 90 -5.09 -4.70 14.15
CA GLN A 90 -6.17 -3.75 14.21
C GLN A 90 -7.43 -4.35 13.59
N PRO A 91 -8.61 -3.95 14.05
CA PRO A 91 -9.85 -4.56 13.57
C PRO A 91 -10.15 -4.22 12.10
N LYS A 92 -10.95 -5.08 11.48
CA LYS A 92 -11.38 -4.91 10.09
C LYS A 92 -12.37 -3.76 9.97
N THR A 93 -12.40 -3.15 8.78
CA THR A 93 -13.05 -1.85 8.57
C THR A 93 -13.33 -1.66 7.08
N ASN A 94 -14.02 -0.56 6.73
CA ASN A 94 -14.32 -0.24 5.33
C ASN A 94 -13.04 -0.01 4.54
N TYR A 95 -12.84 -0.80 3.48
CA TYR A 95 -11.70 -0.63 2.60
C TYR A 95 -12.19 -0.54 1.15
N VAL A 96 -11.88 0.56 0.50
CA VAL A 96 -12.16 0.75 -0.92
C VAL A 96 -10.96 0.18 -1.68
N ASN A 97 -11.13 -0.99 -2.29
CA ASN A 97 -10.04 -1.65 -3.02
C ASN A 97 -10.07 -1.14 -4.46
N LEU A 98 -9.36 -0.03 -4.70
CA LEU A 98 -9.37 0.62 -6.00
C LEU A 98 -8.87 -0.30 -7.11
N ARG A 99 -8.03 -1.27 -6.79
CA ARG A 99 -7.46 -2.05 -7.89
C ARG A 99 -8.44 -3.04 -8.51
N SER A 100 -9.58 -3.29 -7.89
CA SER A 100 -10.58 -4.17 -8.48
C SER A 100 -11.63 -3.40 -9.29
N TYR A 101 -11.41 -2.12 -9.54
CA TYR A 101 -12.33 -1.29 -10.30
C TYR A 101 -12.02 -1.35 -11.80
N PHE A 102 -12.87 -0.72 -12.61
CA PHE A 102 -12.72 -0.77 -14.07
C PHE A 102 -11.62 0.22 -14.53
N THR A 103 -10.36 -0.16 -14.29
CA THR A 103 -9.23 0.70 -14.62
C THR A 103 -8.55 0.35 -15.93
N GLY A 104 -9.03 -0.66 -16.66
CA GLY A 104 -8.43 -0.93 -17.95
C GLY A 104 -6.99 -1.40 -17.88
N GLY A 105 -6.57 -1.91 -16.72
CA GLY A 105 -5.22 -2.37 -16.50
C GLY A 105 -4.32 -1.32 -15.92
N GLU A 106 -4.84 -0.13 -15.62
CA GLU A 106 -4.01 1.00 -15.29
C GLU A 106 -4.07 1.32 -13.80
N ASN A 107 -2.97 1.92 -13.34
CA ASN A 107 -2.82 2.34 -11.96
C ASN A 107 -3.44 3.73 -11.77
N ILE A 108 -3.88 4.00 -10.55
CA ILE A 108 -4.53 5.27 -10.23
C ILE A 108 -3.51 6.25 -9.68
N MET A 109 -3.44 7.44 -10.28
CA MET A 109 -2.47 8.45 -9.87
C MET A 109 -2.87 9.08 -8.54
N THR A 110 -1.91 9.15 -7.62
CA THR A 110 -2.05 9.91 -6.39
C THR A 110 -1.88 11.39 -6.65
N TYR A 111 -2.59 12.21 -5.88
CA TYR A 111 -2.56 13.67 -5.86
C TYR A 111 -3.26 14.29 -7.06
N LYS A 112 -3.75 13.49 -8.01
CA LYS A 112 -4.59 13.99 -9.09
C LYS A 112 -6.06 13.69 -8.78
N LYS A 113 -6.96 14.29 -9.58
CA LYS A 113 -8.38 14.33 -9.24
C LYS A 113 -8.92 12.94 -8.89
N LEU A 114 -9.79 12.88 -7.86
CA LEU A 114 -10.33 11.63 -7.35
C LEU A 114 -11.62 11.89 -6.58
N ARG A 115 -12.66 11.09 -6.86
CA ARG A 115 -13.98 11.25 -6.23
C ARG A 115 -14.51 9.88 -5.82
N ILE A 116 -14.76 9.70 -4.52
CA ILE A 116 -15.26 8.44 -3.98
C ILE A 116 -16.63 8.67 -3.37
N TYR A 117 -17.60 7.83 -3.76
CA TYR A 117 -19.00 7.96 -3.39
C TYR A 117 -19.44 6.76 -2.58
N ALA A 118 -20.00 7.02 -1.40
CA ALA A 118 -20.63 5.97 -0.61
C ALA A 118 -22.01 5.68 -1.18
N ILE A 119 -22.33 4.39 -1.38
CA ILE A 119 -23.61 4.00 -1.93
C ILE A 119 -24.44 3.33 -0.85
N THR A 120 -25.53 3.97 -0.48
CA THR A 120 -26.48 3.44 0.46
C THR A 120 -27.09 2.14 -0.07
N PRO A 121 -27.57 1.26 0.81
CA PRO A 121 -28.28 0.06 0.32
C PRO A 121 -29.56 0.40 -0.44
N ASP A 122 -29.94 1.69 -0.47
CA ASP A 122 -31.01 2.20 -1.30
C ASP A 122 -30.50 2.74 -2.64
N ASP A 123 -29.19 2.60 -2.91
CA ASP A 123 -28.49 2.93 -4.15
C ASP A 123 -28.22 4.42 -4.32
N ARG A 124 -28.42 5.24 -3.30
CA ARG A 124 -28.08 6.66 -3.43
C ARG A 124 -26.57 6.86 -3.24
N GLU A 125 -26.00 7.76 -4.06
CA GLU A 125 -24.56 8.04 -4.08
C GLU A 125 -24.28 9.36 -3.36
N LEU A 126 -23.46 9.31 -2.31
CA LEU A 126 -23.04 10.52 -1.58
C LEU A 126 -21.52 10.65 -1.56
N LEU A 127 -21.03 11.83 -1.92
CA LEU A 127 -19.59 12.10 -1.98
C LEU A 127 -19.01 12.13 -0.57
N VAL A 128 -18.07 11.22 -0.30
CA VAL A 128 -17.41 11.17 1.01
C VAL A 128 -15.92 11.53 0.93
N LEU A 129 -15.29 11.41 -0.24
CA LEU A 129 -13.87 11.73 -0.36
C LEU A 129 -13.64 12.40 -1.70
N SER A 130 -12.86 13.47 -1.68
CA SER A 130 -12.67 14.33 -2.85
C SER A 130 -11.25 14.83 -2.88
N VAL A 131 -10.55 14.62 -4.00
CA VAL A 131 -9.20 15.13 -4.20
C VAL A 131 -9.15 15.74 -5.60
N ASP A 132 -8.42 16.85 -5.74
CA ASP A 132 -8.30 17.46 -7.06
C ASP A 132 -6.90 17.26 -7.66
N THR B 13 24.58 -15.01 -9.37
CA THR B 13 25.55 -13.91 -9.45
C THR B 13 25.07 -12.70 -8.64
N ASP B 14 26.01 -12.03 -7.97
CA ASP B 14 25.68 -10.82 -7.25
C ASP B 14 25.01 -9.80 -8.15
N GLN B 15 25.51 -9.64 -9.39
CA GLN B 15 24.93 -8.63 -10.29
C GLN B 15 23.60 -9.08 -10.88
N GLU B 16 23.43 -10.39 -11.08
CA GLU B 16 22.14 -10.91 -11.52
C GLU B 16 21.05 -10.62 -10.48
N ILE B 17 21.41 -10.73 -9.21
CA ILE B 17 20.44 -10.52 -8.12
C ILE B 17 20.18 -9.03 -7.94
N MET B 18 21.22 -8.22 -8.02
CA MET B 18 21.07 -6.76 -8.00
C MET B 18 20.16 -6.24 -9.11
N ASP B 19 20.34 -6.74 -10.34
CA ASP B 19 19.52 -6.28 -11.46
C ASP B 19 18.05 -6.63 -11.24
N ALA B 20 17.80 -7.82 -10.70
CA ALA B 20 16.43 -8.30 -10.49
C ALA B 20 15.67 -7.46 -9.47
N HIS B 21 16.37 -6.77 -8.57
CA HIS B 21 15.75 -5.98 -7.52
C HIS B 21 15.76 -4.48 -7.83
N LYS B 22 15.76 -4.09 -9.11
CA LYS B 22 15.90 -2.67 -9.41
C LYS B 22 14.58 -1.92 -9.47
N ILE B 23 13.45 -2.58 -9.72
CA ILE B 23 12.17 -1.91 -9.64
C ILE B 23 11.51 -2.34 -8.33
N TYR B 24 11.32 -1.36 -7.45
CA TYR B 24 10.75 -1.60 -6.13
C TYR B 24 9.78 -0.47 -5.81
N PHE B 25 8.69 -0.85 -5.16
CA PHE B 25 7.69 0.11 -4.68
C PHE B 25 7.51 -0.12 -3.19
N ALA B 26 7.50 0.96 -2.43
CA ALA B 26 7.22 0.92 -1.00
C ALA B 26 5.72 0.87 -0.79
N ASP B 27 5.28 -0.02 0.11
CA ASP B 27 3.88 -0.13 0.52
C ASP B 27 3.67 0.82 1.69
N LEU B 28 2.98 1.94 1.44
CA LEU B 28 2.72 2.96 2.45
C LEU B 28 1.25 3.02 2.83
N ASN B 29 1.00 3.60 4.01
CA ASN B 29 -0.27 4.20 4.37
C ASN B 29 -0.02 5.68 4.62
N PHE B 30 -0.92 6.52 4.14
CA PHE B 30 -0.73 7.96 4.22
C PHE B 30 -2.01 8.63 4.69
N ASN B 31 -1.88 9.48 5.71
CA ASN B 31 -3.03 10.22 6.23
C ASN B 31 -2.94 11.67 5.78
N PRO B 32 -3.82 12.12 4.89
CA PRO B 32 -3.70 13.46 4.29
C PRO B 32 -4.01 14.60 5.24
N SER B 33 -4.64 14.35 6.38
CA SER B 33 -4.91 15.44 7.31
C SER B 33 -3.85 15.55 8.40
N THR B 34 -3.12 14.47 8.67
CA THR B 34 -1.95 14.54 9.54
C THR B 34 -0.68 14.83 8.76
N GLY B 35 -0.63 14.47 7.48
CA GLY B 35 0.63 14.47 6.76
C GLY B 35 1.53 13.35 7.20
N ASN B 36 0.94 12.27 7.72
CA ASN B 36 1.64 11.17 8.32
C ASN B 36 1.69 10.00 7.36
N THR B 37 2.87 9.41 7.22
CA THR B 37 3.13 8.35 6.28
C THR B 37 3.81 7.21 7.02
N TYR B 38 3.40 5.97 6.74
CA TYR B 38 3.90 4.77 7.43
C TYR B 38 4.28 3.70 6.41
N ILE B 39 5.51 3.24 6.45
CA ILE B 39 6.00 2.23 5.51
C ILE B 39 5.69 0.84 6.07
N ASN B 40 4.77 0.12 5.41
CA ASN B 40 4.41 -1.25 5.78
C ASN B 40 5.33 -2.29 5.18
N GLY B 41 5.84 -2.05 3.98
CA GLY B 41 6.68 -3.03 3.32
C GLY B 41 7.24 -2.56 1.99
N MET B 42 7.73 -3.52 1.20
CA MET B 42 8.40 -3.24 -0.05
C MET B 42 8.13 -4.37 -1.04
N TYR B 43 7.74 -4.01 -2.25
CA TYR B 43 7.62 -4.96 -3.35
C TYR B 43 8.84 -4.88 -4.26
N PHE B 44 9.20 -6.02 -4.84
CA PHE B 44 10.17 -6.05 -5.92
C PHE B 44 9.45 -6.57 -7.16
N ALA B 45 9.45 -5.76 -8.21
CA ALA B 45 8.62 -5.99 -9.39
C ALA B 45 8.99 -7.30 -10.08
N PRO B 46 8.00 -8.09 -10.51
CA PRO B 46 8.32 -9.23 -11.38
C PRO B 46 8.46 -8.80 -12.83
N THR B 47 9.70 -8.68 -13.28
CA THR B 47 10.03 -8.49 -14.68
C THR B 47 10.21 -9.85 -15.33
N GLN B 48 10.02 -9.89 -16.65
CA GLN B 48 10.11 -11.18 -17.32
C GLN B 48 11.56 -11.65 -17.41
N THR B 49 12.51 -10.82 -17.00
CA THR B 49 13.93 -11.15 -16.94
C THR B 49 14.43 -11.15 -15.50
N ASN B 50 13.61 -11.62 -14.54
CA ASN B 50 14.11 -11.71 -13.17
C ASN B 50 13.41 -12.76 -12.31
N LYS B 51 12.52 -13.58 -12.87
CA LYS B 51 11.73 -14.49 -12.06
C LYS B 51 12.61 -15.44 -11.26
N GLU B 52 13.55 -16.13 -11.91
CA GLU B 52 14.36 -17.11 -11.21
C GLU B 52 15.23 -16.46 -10.14
N ALA B 53 15.67 -15.22 -10.37
CA ALA B 53 16.45 -14.53 -9.35
C ALA B 53 15.59 -14.20 -8.12
N LEU B 54 14.32 -13.84 -8.35
CA LEU B 54 13.44 -13.53 -7.23
C LEU B 54 13.02 -14.80 -6.48
N ASP B 55 12.99 -15.94 -7.17
CA ASP B 55 12.74 -17.21 -6.49
C ASP B 55 13.93 -17.64 -5.64
N TYR B 56 15.10 -17.05 -5.85
CA TYR B 56 16.33 -17.50 -5.22
C TYR B 56 16.51 -16.90 -3.83
N ILE B 57 16.26 -15.61 -3.67
CA ILE B 57 16.38 -14.96 -2.36
C ILE B 57 15.13 -15.26 -1.54
N GLN B 58 15.34 -15.77 -0.32
CA GLN B 58 14.25 -16.17 0.58
C GLN B 58 14.10 -15.31 1.82
N LYS B 59 15.16 -14.61 2.23
CA LYS B 59 15.19 -13.77 3.41
C LYS B 59 15.67 -12.38 3.01
N TYR B 60 15.33 -11.37 3.81
CA TYR B 60 15.81 -10.01 3.57
C TYR B 60 16.20 -9.33 4.87
N ARG B 61 17.37 -8.70 4.87
CA ARG B 61 17.90 -7.94 5.99
C ARG B 61 17.47 -6.47 5.82
N VAL B 62 16.92 -5.88 6.88
CA VAL B 62 16.47 -4.50 6.80
C VAL B 62 17.12 -3.67 7.88
N GLU B 63 17.58 -2.48 7.50
CA GLU B 63 17.98 -1.41 8.39
C GLU B 63 17.20 -0.18 8.00
N ALA B 64 16.54 0.45 8.98
CA ALA B 64 15.68 1.59 8.72
C ALA B 64 15.77 2.50 9.94
N THR B 65 15.27 3.72 9.81
CA THR B 65 15.23 4.65 10.94
C THR B 65 13.83 4.64 11.53
N LEU B 66 13.76 4.51 12.84
CA LEU B 66 12.51 4.35 13.59
C LEU B 66 12.12 5.67 14.25
N GLN B 67 10.81 5.81 14.49
CA GLN B 67 10.21 7.09 14.84
C GLN B 67 10.77 7.70 16.11
N TYR B 68 11.14 6.88 17.09
CA TYR B 68 11.71 7.40 18.33
C TYR B 68 13.19 7.07 18.48
N SER B 69 13.66 5.97 17.91
CA SER B 69 15.09 5.71 17.83
C SER B 69 15.65 6.27 16.52
N GLY B 70 16.68 5.64 15.99
CA GLY B 70 17.27 6.09 14.74
C GLY B 70 17.41 4.95 13.77
N PHE B 71 18.43 5.05 12.94
CA PHE B 71 18.73 4.00 11.98
C PHE B 71 19.32 2.80 12.71
N LYS B 72 18.67 1.65 12.65
CA LYS B 72 19.20 0.45 13.28
C LYS B 72 18.89 -0.77 12.45
N ASP B 73 19.64 -1.84 12.73
CA ASP B 73 19.31 -3.15 12.20
C ASP B 73 17.97 -3.57 12.77
N ILE B 74 17.06 -3.92 11.88
CA ILE B 74 15.70 -4.25 12.23
C ILE B 74 15.41 -5.73 12.02
N GLY B 75 16.40 -6.48 11.53
CA GLY B 75 16.38 -7.93 11.54
C GLY B 75 16.43 -8.51 10.15
N THR B 76 16.26 -9.83 10.10
CA THR B 76 16.23 -10.61 8.87
C THR B 76 15.03 -11.53 8.92
N LYS B 77 14.14 -11.42 7.95
CA LYS B 77 12.92 -12.24 7.97
C LYS B 77 12.65 -12.81 6.59
N ASP B 78 11.98 -13.95 6.58
CA ASP B 78 11.63 -14.60 5.33
C ASP B 78 10.74 -13.69 4.51
N LYS B 79 11.01 -13.63 3.21
CA LYS B 79 10.18 -12.84 2.31
C LYS B 79 8.76 -13.38 2.28
N GLU B 80 7.82 -12.50 2.00
CA GLU B 80 6.46 -12.90 1.66
C GLU B 80 6.24 -12.83 0.15
N MET B 81 5.22 -13.54 -0.32
CA MET B 81 4.84 -13.54 -1.73
C MET B 81 3.50 -12.84 -1.83
N ARG B 82 3.49 -11.62 -2.38
CA ARG B 82 2.29 -10.82 -2.47
C ARG B 82 2.10 -10.34 -3.90
N ASN B 83 0.86 -10.42 -4.37
CA ASN B 83 0.48 -9.82 -5.64
C ASN B 83 1.12 -8.45 -5.78
N TYR B 84 1.87 -8.28 -6.88
CA TYR B 84 2.64 -7.06 -7.08
C TYR B 84 1.72 -5.86 -7.04
N LEU B 85 2.12 -4.84 -6.27
CA LEU B 85 1.39 -3.59 -6.14
C LEU B 85 -0.05 -3.80 -5.64
N GLY B 86 -0.34 -4.97 -5.08
CA GLY B 86 -1.68 -5.24 -4.57
C GLY B 86 -2.72 -5.55 -5.62
N ASP B 87 -2.33 -5.60 -6.89
CA ASP B 87 -3.25 -5.91 -7.97
C ASP B 87 -3.45 -7.42 -8.06
N PRO B 88 -4.68 -7.92 -8.03
CA PRO B 88 -4.91 -9.37 -8.12
C PRO B 88 -4.72 -9.93 -9.51
N ASN B 89 -4.31 -9.11 -10.48
CA ASN B 89 -3.99 -9.57 -11.83
C ASN B 89 -2.50 -9.50 -12.13
N GLN B 90 -1.69 -9.12 -11.14
CA GLN B 90 -0.24 -9.24 -11.24
C GLN B 90 0.21 -10.48 -10.49
N PRO B 91 1.29 -11.13 -10.90
CA PRO B 91 1.74 -12.33 -10.18
C PRO B 91 2.24 -11.99 -8.78
N LYS B 92 2.36 -13.03 -7.96
CA LYS B 92 2.89 -12.91 -6.62
C LYS B 92 4.40 -12.75 -6.67
N THR B 93 4.94 -11.80 -5.91
CA THR B 93 6.33 -11.41 -6.06
C THR B 93 6.98 -11.26 -4.68
N ASN B 94 8.29 -11.00 -4.68
CA ASN B 94 9.03 -10.84 -3.43
C ASN B 94 8.51 -9.64 -2.66
N TYR B 95 8.22 -9.83 -1.36
CA TYR B 95 7.67 -8.76 -0.53
C TYR B 95 8.35 -8.74 0.83
N VAL B 96 8.90 -7.58 1.18
CA VAL B 96 9.53 -7.34 2.47
C VAL B 96 8.45 -6.73 3.36
N ASN B 97 7.85 -7.56 4.23
CA ASN B 97 6.84 -7.12 5.19
C ASN B 97 7.58 -6.52 6.37
N LEU B 98 7.65 -5.19 6.44
CA LEU B 98 8.35 -4.55 7.56
C LEU B 98 7.62 -4.72 8.90
N ARG B 99 6.33 -5.08 8.90
CA ARG B 99 5.60 -5.36 10.14
C ARG B 99 6.04 -6.66 10.80
N SER B 100 6.81 -7.48 10.09
CA SER B 100 7.30 -8.74 10.62
C SER B 100 8.67 -8.58 11.27
N TYR B 101 9.25 -7.39 11.23
CA TYR B 101 10.63 -7.17 11.64
C TYR B 101 10.68 -6.64 13.08
N PHE B 102 11.90 -6.44 13.59
CA PHE B 102 12.10 -6.11 15.00
C PHE B 102 12.13 -4.60 15.19
N THR B 103 10.93 -4.01 15.26
CA THR B 103 10.73 -2.62 15.59
C THR B 103 10.33 -2.50 17.06
N GLY B 104 10.69 -1.39 17.69
CA GLY B 104 10.35 -1.30 19.11
C GLY B 104 8.90 -0.88 19.29
N GLY B 105 7.99 -1.59 18.62
CA GLY B 105 6.69 -1.04 18.30
C GLY B 105 6.71 0.16 17.38
N GLU B 106 7.88 0.74 17.13
CA GLU B 106 7.98 2.07 16.54
C GLU B 106 7.65 2.06 15.05
N ASN B 107 7.04 3.15 14.61
CA ASN B 107 6.77 3.33 13.20
C ASN B 107 8.06 3.67 12.47
N ILE B 108 8.19 3.16 11.25
CA ILE B 108 9.17 3.65 10.29
C ILE B 108 8.45 4.70 9.46
N MET B 109 9.06 5.87 9.33
CA MET B 109 8.53 6.88 8.43
C MET B 109 9.45 7.02 7.23
N THR B 110 8.95 7.72 6.23
CA THR B 110 9.54 7.63 4.90
C THR B 110 10.59 8.70 4.70
N TYR B 111 11.19 8.68 3.51
CA TYR B 111 12.27 9.55 3.05
C TYR B 111 13.55 9.37 3.85
N LYS B 112 13.61 8.41 4.77
CA LYS B 112 14.76 8.27 5.64
C LYS B 112 15.57 7.04 5.27
N LYS B 113 16.77 6.99 5.85
CA LYS B 113 17.76 5.99 5.51
C LYS B 113 17.18 4.59 5.65
N LEU B 114 17.16 3.85 4.56
CA LEU B 114 16.55 2.53 4.51
C LEU B 114 17.42 1.63 3.66
N ARG B 115 17.81 0.47 4.22
CA ARG B 115 18.66 -0.48 3.52
C ARG B 115 18.02 -1.86 3.59
N ILE B 116 17.91 -2.51 2.43
CA ILE B 116 17.39 -3.86 2.35
C ILE B 116 18.43 -4.72 1.63
N TYR B 117 18.89 -5.77 2.29
CA TYR B 117 19.88 -6.68 1.73
C TYR B 117 19.22 -8.03 1.45
N ALA B 118 19.46 -8.55 0.25
CA ALA B 118 19.02 -9.90 -0.07
C ALA B 118 19.99 -10.92 0.53
N ILE B 119 19.47 -11.92 1.22
CA ILE B 119 20.29 -12.94 1.85
C ILE B 119 20.16 -14.21 1.03
N THR B 120 21.25 -14.59 0.36
CA THR B 120 21.28 -15.74 -0.52
C THR B 120 21.31 -17.03 0.28
N PRO B 121 20.84 -18.14 -0.32
CA PRO B 121 20.95 -19.45 0.35
C PRO B 121 22.36 -19.75 0.85
N ASP B 122 23.39 -19.36 0.09
CA ASP B 122 24.78 -19.58 0.49
C ASP B 122 25.25 -18.49 1.44
N ASP B 123 24.31 -17.87 2.15
CA ASP B 123 24.55 -16.91 3.23
C ASP B 123 25.51 -15.78 2.86
N ARG B 124 25.12 -14.96 1.89
CA ARG B 124 25.79 -13.71 1.58
C ARG B 124 24.72 -12.63 1.40
N GLU B 125 25.02 -11.43 1.89
CA GLU B 125 24.09 -10.31 1.88
C GLU B 125 24.44 -9.38 0.72
N LEU B 126 23.43 -9.05 -0.10
CA LEU B 126 23.57 -8.23 -1.29
C LEU B 126 22.64 -7.03 -1.18
N LEU B 127 23.22 -5.85 -0.93
CA LEU B 127 22.46 -4.61 -0.79
C LEU B 127 21.64 -4.32 -2.04
N VAL B 128 20.35 -4.68 -2.03
CA VAL B 128 19.51 -4.54 -3.21
C VAL B 128 18.70 -3.24 -3.21
N LEU B 129 18.90 -2.37 -2.23
CA LEU B 129 18.00 -1.25 -2.05
C LEU B 129 18.65 -0.25 -1.09
N SER B 130 18.61 1.02 -1.45
CA SER B 130 19.19 2.05 -0.60
C SER B 130 18.48 3.36 -0.87
N VAL B 131 17.93 3.96 0.18
CA VAL B 131 17.39 5.31 0.12
C VAL B 131 17.92 6.07 1.32
N ASP B 132 17.87 7.40 1.23
CA ASP B 132 18.49 8.25 2.24
C ASP B 132 17.94 9.68 2.19
#